data_6WVW
#
_entry.id   6WVW
#
_cell.length_a   48.761
_cell.length_b   45.899
_cell.length_c   109.066
_cell.angle_alpha   90.000
_cell.angle_beta   94.410
_cell.angle_gamma   90.000
#
_symmetry.space_group_name_H-M   'P 1 21 1'
#
loop_
_entity.id
_entity.type
_entity.pdbx_description
1 polymer 'Vesicle-associated membrane protein 2'
2 polymer Syntaxin-1A
3 polymer 'Synaptosomal-associated protein 25'
4 polymer 'Synaptosomal-associated protein 25'
5 non-polymer 'CALCIUM ION'
6 non-polymer (4S)-2-METHYL-2,4-PENTANEDIOL
7 water water
#
loop_
_entity_poly.entity_id
_entity_poly.type
_entity_poly.pdbx_seq_one_letter_code
_entity_poly.pdbx_strand_id
1 'polypeptide(L)' GSNRRLQQTQAQVDEVVDIMRVNVDKVLERDQKLSELDDRADALQAGASQFETSAAKLKRKYW A,E
2 'polypeptide(L)' ALSEIETRHSEIIKLENSIRELHDMFMDMAMLVESQGEMIDRIEYNVEHAVDYVERAVSDTKKAVK B,F
3 'polypeptide(L)' ELEEMQRRADQLADESLESTRRMLQLVEESKDAGIRTLVMLDEQGEQLDPVEEGMNHINQDMKEAEKNLKDLGK C,G
4 'polypeptide(L)' ARENEMDENLEQVSGIIGNLRHMALDMGNEIDTQNRQIDRIMEKADSNKTRIDEANQRATKMLG D,H
#
# COMPACT_ATOMS: atom_id res chain seq x y z
N SER A 2 -39.70 1.47 -2.30
CA SER A 2 -39.40 1.91 -0.94
C SER A 2 -38.79 0.77 -0.14
N ASN A 3 -39.48 -0.38 -0.15
CA ASN A 3 -38.94 -1.56 0.53
C ASN A 3 -37.64 -2.00 -0.11
N ARG A 4 -37.58 -2.00 -1.45
CA ARG A 4 -36.37 -2.41 -2.16
C ARG A 4 -35.24 -1.43 -1.93
N ARG A 5 -35.52 -0.14 -2.01
CA ARG A 5 -34.54 0.87 -1.61
C ARG A 5 -33.93 0.53 -0.27
N LEU A 6 -34.78 0.15 0.69
CA LEU A 6 -34.33 -0.07 2.05
C LEU A 6 -33.49 -1.33 2.15
N GLN A 7 -33.88 -2.40 1.43
CA GLN A 7 -33.07 -3.60 1.41
C GLN A 7 -31.69 -3.32 0.84
N GLN A 8 -31.62 -2.47 -0.19
CA GLN A 8 -30.34 -2.17 -0.82
C GLN A 8 -29.47 -1.30 0.09
N THR A 9 -30.07 -0.36 0.82
CA THR A 9 -29.32 0.40 1.81
C THR A 9 -28.76 -0.51 2.90
N GLN A 10 -29.57 -1.46 3.37
CA GLN A 10 -29.08 -2.44 4.33
C GLN A 10 -27.89 -3.20 3.76
N ALA A 11 -27.98 -3.62 2.50
CA ALA A 11 -26.87 -4.33 1.88
C ALA A 11 -25.61 -3.48 1.85
N GLN A 12 -25.74 -2.21 1.48
CA GLN A 12 -24.60 -1.30 1.51
C GLN A 12 -23.95 -1.27 2.89
N VAL A 13 -24.76 -1.02 3.91
CA VAL A 13 -24.25 -0.91 5.27
C VAL A 13 -23.53 -2.20 5.67
N ASP A 14 -24.09 -3.35 5.29
CA ASP A 14 -23.46 -4.63 5.65
C ASP A 14 -22.12 -4.81 4.95
N GLU A 15 -22.04 -4.41 3.68
CA GLU A 15 -20.75 -4.49 3.00
C GLU A 15 -19.71 -3.62 3.69
N VAL A 16 -20.08 -2.39 4.06
CA VAL A 16 -19.12 -1.53 4.73
C VAL A 16 -18.74 -2.11 6.10
N VAL A 17 -19.70 -2.76 6.76
CA VAL A 17 -19.40 -3.40 8.04
C VAL A 17 -18.35 -4.49 7.86
N ASP A 18 -18.50 -5.31 6.81
CA ASP A 18 -17.48 -6.34 6.56
C ASP A 18 -16.12 -5.72 6.30
N ILE A 19 -16.09 -4.68 5.46
CA ILE A 19 -14.82 -4.01 5.17
C ILE A 19 -14.17 -3.51 6.46
N MET A 20 -14.98 -2.92 7.35
CA MET A 20 -14.41 -2.35 8.56
C MET A 20 -13.99 -3.42 9.57
N ARG A 21 -14.68 -4.56 9.59
CA ARG A 21 -14.21 -5.69 10.39
C ARG A 21 -12.81 -6.11 9.94
N VAL A 22 -12.62 -6.22 8.62
CA VAL A 22 -11.29 -6.55 8.11
C VAL A 22 -10.29 -5.47 8.51
N ASN A 23 -10.67 -4.20 8.40
CA ASN A 23 -9.76 -3.12 8.76
C ASN A 23 -9.38 -3.20 10.23
N VAL A 24 -10.32 -3.58 11.09
CA VAL A 24 -10.01 -3.71 12.51
C VAL A 24 -9.01 -4.82 12.74
N ASP A 25 -9.17 -5.95 12.04
CA ASP A 25 -8.15 -6.99 12.13
C ASP A 25 -6.77 -6.45 11.73
N LYS A 26 -6.74 -5.69 10.62
CA LYS A 26 -5.47 -5.17 10.13
C LYS A 26 -4.83 -4.22 11.14
N VAL A 27 -5.65 -3.39 11.78
CA VAL A 27 -5.10 -2.41 12.71
C VAL A 27 -4.71 -3.06 14.03
N LEU A 28 -5.35 -4.17 14.42
CA LEU A 28 -4.87 -4.89 15.59
C LEU A 28 -3.51 -5.53 15.32
N GLU A 29 -3.32 -6.08 14.12
CA GLU A 29 -1.97 -6.57 13.80
C GLU A 29 -0.96 -5.42 13.74
N ARG A 30 -1.40 -4.25 13.28
CA ARG A 30 -0.55 -3.06 13.35
C ARG A 30 -0.16 -2.75 14.78
N ASP A 31 -1.11 -2.89 15.71
CA ASP A 31 -0.80 -2.66 17.13
C ASP A 31 0.25 -3.63 17.63
N GLN A 32 0.11 -4.91 17.27
CA GLN A 32 1.11 -5.90 17.69
C GLN A 32 2.50 -5.55 17.16
N LYS A 33 2.58 -5.24 15.86
CA LYS A 33 3.84 -4.83 15.27
C LYS A 33 4.42 -3.62 15.99
N LEU A 34 3.57 -2.63 16.29
CA LEU A 34 4.07 -1.41 16.92
C LEU A 34 4.55 -1.65 18.34
N SER A 35 3.92 -2.58 19.07
CA SER A 35 4.41 -2.92 20.40
C SER A 35 5.78 -3.58 20.32
N GLU A 36 5.94 -4.52 19.40
CA GLU A 36 7.26 -5.14 19.23
C GLU A 36 8.31 -4.11 18.86
N LEU A 37 7.99 -3.21 17.92
CA LEU A 37 8.95 -2.20 17.51
C LEU A 37 9.25 -1.21 18.63
N ASP A 38 8.25 -0.93 19.48
CA ASP A 38 8.48 -0.09 20.66
C ASP A 38 9.55 -0.71 21.56
N ASP A 39 9.35 -1.99 21.92
CA ASP A 39 10.36 -2.68 22.72
C ASP A 39 11.72 -2.64 22.05
N ARG A 40 11.77 -2.95 20.76
CA ARG A 40 13.04 -3.00 20.05
C ARG A 40 13.73 -1.64 20.05
N ALA A 41 12.98 -0.56 19.84
CA ALA A 41 13.59 0.77 19.80
C ALA A 41 14.16 1.14 21.15
N ASP A 42 13.44 0.82 22.24
CA ASP A 42 13.98 1.08 23.57
C ASP A 42 15.29 0.35 23.78
N ALA A 43 15.29 -0.97 23.53
CA ALA A 43 16.51 -1.74 23.70
C ALA A 43 17.63 -1.20 22.82
N LEU A 44 17.27 -0.75 21.62
CA LEU A 44 18.29 -0.29 20.67
C LEU A 44 18.96 0.98 21.15
N GLN A 45 18.17 1.95 21.64
CA GLN A 45 18.81 3.16 22.14
C GLN A 45 19.65 2.88 23.38
N ALA A 46 19.25 1.88 24.20
CA ALA A 46 20.09 1.51 25.33
C ALA A 46 21.44 0.96 24.87
N GLY A 47 21.41 -0.01 23.95
CA GLY A 47 22.64 -0.56 23.42
C GLY A 47 23.51 0.50 22.78
N ALA A 48 22.89 1.45 22.07
CA ALA A 48 23.65 2.50 21.42
C ALA A 48 24.30 3.43 22.46
N SER A 49 23.58 3.73 23.55
CA SER A 49 24.19 4.52 24.62
C SER A 49 25.43 3.83 25.16
N GLN A 50 25.33 2.54 25.45
CA GLN A 50 26.49 1.83 25.99
C GLN A 50 27.65 1.85 24.99
N PHE A 51 27.35 1.60 23.71
CA PHE A 51 28.42 1.61 22.72
C PHE A 51 29.04 3.00 22.58
N GLU A 52 28.25 4.05 22.77
CA GLU A 52 28.80 5.40 22.76
C GLU A 52 29.82 5.57 23.87
N THR A 53 29.45 5.16 25.09
CA THR A 53 30.40 5.24 26.20
C THR A 53 31.69 4.48 25.87
N SER A 54 31.54 3.26 25.37
CA SER A 54 32.72 2.45 25.07
C SER A 54 33.57 3.08 23.97
N ALA A 55 32.92 3.69 22.98
CA ALA A 55 33.66 4.31 21.89
C ALA A 55 34.45 5.52 22.39
N ALA A 56 33.86 6.30 23.30
CA ALA A 56 34.62 7.40 23.90
C ALA A 56 35.83 6.90 24.67
N LYS A 57 35.64 5.84 25.47
CA LYS A 57 36.79 5.28 26.17
C LYS A 57 37.87 4.82 25.20
N LEU A 58 37.47 4.16 24.10
CA LEU A 58 38.45 3.73 23.10
C LEU A 58 39.15 4.94 22.49
N LYS A 59 38.39 6.00 22.21
CA LYS A 59 38.98 7.25 21.73
C LYS A 59 40.13 7.68 22.63
N ARG A 60 39.90 7.73 23.94
CA ARG A 60 40.98 8.05 24.86
C ARG A 60 42.12 7.05 24.72
N LYS A 61 41.79 5.75 24.70
CA LYS A 61 42.79 4.72 24.93
C LYS A 61 43.73 4.55 23.75
N TYR A 62 43.25 4.77 22.53
CA TYR A 62 44.02 4.54 21.32
C TYR A 62 44.38 5.84 20.60
N TRP A 63 44.53 6.94 21.34
CA TRP A 63 44.91 8.21 20.73
C TRP A 63 45.48 9.19 21.74
N ALA B 1 -51.66 -0.26 4.68
CA ALA B 1 -52.25 -1.15 5.68
C ALA B 1 -51.28 -1.37 6.83
N LEU B 2 -51.76 -2.02 7.89
CA LEU B 2 -50.93 -2.25 9.07
C LEU B 2 -49.76 -3.19 8.79
N SER B 3 -49.98 -4.22 7.97
CA SER B 3 -48.90 -5.16 7.69
C SER B 3 -47.70 -4.46 7.07
N GLU B 4 -47.95 -3.63 6.06
CA GLU B 4 -46.86 -2.95 5.37
C GLU B 4 -46.15 -1.96 6.31
N ILE B 5 -46.92 -1.25 7.13
CA ILE B 5 -46.34 -0.30 8.06
C ILE B 5 -45.44 -1.01 9.07
N GLU B 6 -45.93 -2.11 9.63
CA GLU B 6 -45.14 -2.87 10.60
C GLU B 6 -43.87 -3.42 9.97
N THR B 7 -43.98 -3.97 8.76
CA THR B 7 -42.81 -4.53 8.10
C THR B 7 -41.77 -3.45 7.83
N ARG B 8 -42.20 -2.31 7.27
CA ARG B 8 -41.25 -1.23 7.00
C ARG B 8 -40.61 -0.73 8.29
N HIS B 9 -41.40 -0.64 9.37
CA HIS B 9 -40.84 -0.20 10.64
C HIS B 9 -39.74 -1.15 11.11
N SER B 10 -40.01 -2.46 11.08
CA SER B 10 -39.00 -3.42 11.53
C SER B 10 -37.75 -3.35 10.65
N GLU B 11 -37.94 -3.17 9.35
CA GLU B 11 -36.80 -3.02 8.45
C GLU B 11 -35.96 -1.81 8.82
N ILE B 12 -36.62 -0.68 9.10
CA ILE B 12 -35.89 0.53 9.45
C ILE B 12 -35.16 0.35 10.77
N ILE B 13 -35.79 -0.36 11.72
CA ILE B 13 -35.14 -0.57 13.02
C ILE B 13 -33.89 -1.43 12.84
N LYS B 14 -33.96 -2.49 12.03
N LYS B 14 -33.98 -2.49 12.05
CA LYS B 14 -32.77 -3.32 11.85
CA LYS B 14 -32.81 -3.33 11.83
C LYS B 14 -31.70 -2.57 11.07
C LYS B 14 -31.72 -2.56 11.09
N LEU B 15 -32.10 -1.72 10.13
CA LEU B 15 -31.12 -0.90 9.42
C LEU B 15 -30.43 0.06 10.39
N GLU B 16 -31.19 0.63 11.32
CA GLU B 16 -30.60 1.52 12.32
C GLU B 16 -29.62 0.76 13.21
N ASN B 17 -29.98 -0.48 13.58
N ASN B 17 -29.98 -0.48 13.59
CA ASN B 17 -29.05 -1.29 14.37
CA ASN B 17 -29.05 -1.30 14.37
C ASN B 17 -27.77 -1.55 13.60
C ASN B 17 -27.76 -1.55 13.59
N SER B 18 -27.89 -1.87 12.31
CA SER B 18 -26.70 -2.08 11.48
C SER B 18 -25.85 -0.81 11.42
N ILE B 19 -26.50 0.35 11.24
CA ILE B 19 -25.78 1.61 11.15
C ILE B 19 -25.08 1.92 12.48
N ARG B 20 -25.73 1.56 13.57
CA ARG B 20 -25.18 1.73 14.94
C ARG B 20 -23.92 0.89 15.03
N GLU B 21 -23.95 -0.35 14.54
CA GLU B 21 -22.79 -1.22 14.59
C GLU B 21 -21.63 -0.62 13.79
N LEU B 22 -21.93 -0.15 12.58
CA LEU B 22 -20.89 0.45 11.74
C LEU B 22 -20.30 1.68 12.41
N HIS B 23 -21.14 2.51 13.04
CA HIS B 23 -20.66 3.69 13.75
C HIS B 23 -19.72 3.31 14.89
N ASP B 24 -20.13 2.34 15.71
CA ASP B 24 -19.27 1.87 16.79
C ASP B 24 -17.93 1.41 16.25
N MET B 25 -17.93 0.76 15.09
CA MET B 25 -16.67 0.26 14.54
C MET B 25 -15.78 1.40 14.08
N PHE B 26 -16.35 2.43 13.45
CA PHE B 26 -15.55 3.60 13.08
C PHE B 26 -14.95 4.28 14.31
N MET B 27 -15.76 4.40 15.38
CA MET B 27 -15.26 5.07 16.59
C MET B 27 -14.12 4.27 17.21
N ASP B 28 -14.29 2.95 17.31
CA ASP B 28 -13.24 2.11 17.88
C ASP B 28 -11.98 2.18 17.02
N MET B 29 -12.14 2.28 15.70
CA MET B 29 -10.98 2.43 14.82
C MET B 29 -10.22 3.70 15.15
N ALA B 30 -10.95 4.81 15.29
CA ALA B 30 -10.29 6.07 15.65
C ALA B 30 -9.52 5.93 16.96
N MET B 31 -10.16 5.34 17.97
CA MET B 31 -9.52 5.22 19.27
C MET B 31 -8.27 4.35 19.19
N LEU B 32 -8.35 3.21 18.49
CA LEU B 32 -7.18 2.36 18.34
C LEU B 32 -6.03 3.10 17.66
N VAL B 33 -6.33 3.86 16.60
CA VAL B 33 -5.26 4.55 15.88
C VAL B 33 -4.60 5.61 16.76
N GLU B 34 -5.39 6.33 17.56
CA GLU B 34 -4.78 7.31 18.49
C GLU B 34 -3.89 6.61 19.50
N SER B 35 -4.41 5.53 20.09
CA SER B 35 -3.60 4.76 21.05
C SER B 35 -2.28 4.38 20.44
N GLN B 36 -2.29 3.90 19.19
CA GLN B 36 -1.05 3.50 18.54
C GLN B 36 -0.18 4.70 18.20
N GLY B 37 -0.80 5.87 18.01
CA GLY B 37 -0.01 7.08 17.80
C GLY B 37 0.90 7.35 18.98
N GLU B 38 0.42 7.05 20.18
CA GLU B 38 1.29 7.21 21.36
C GLU B 38 2.54 6.31 21.27
N MET B 39 2.35 5.05 20.86
CA MET B 39 3.49 4.15 20.78
C MET B 39 4.45 4.59 19.67
N ILE B 40 3.91 5.12 18.57
CA ILE B 40 4.78 5.60 17.50
C ILE B 40 5.56 6.82 17.97
N ASP B 41 4.95 7.67 18.80
CA ASP B 41 5.70 8.78 19.38
C ASP B 41 6.90 8.26 20.15
N ARG B 42 6.69 7.24 20.99
CA ARG B 42 7.80 6.70 21.76
C ARG B 42 8.87 6.09 20.85
N ILE B 43 8.43 5.37 19.81
CA ILE B 43 9.38 4.75 18.88
C ILE B 43 10.25 5.81 18.24
N GLU B 44 9.64 6.88 17.73
CA GLU B 44 10.41 7.92 17.05
C GLU B 44 11.38 8.60 18.01
N TYR B 45 10.93 8.91 19.23
CA TYR B 45 11.82 9.52 20.21
C TYR B 45 13.04 8.64 20.47
N ASN B 46 12.81 7.35 20.72
CA ASN B 46 13.92 6.46 21.04
C ASN B 46 14.84 6.26 19.84
N VAL B 47 14.30 6.24 18.62
CA VAL B 47 15.14 6.06 17.44
C VAL B 47 16.00 7.30 17.22
N GLU B 48 15.45 8.49 17.47
CA GLU B 48 16.28 9.70 17.39
C GLU B 48 17.42 9.64 18.40
N HIS B 49 17.10 9.24 19.64
CA HIS B 49 18.14 9.06 20.65
C HIS B 49 19.25 8.12 20.15
N ALA B 50 18.85 6.95 19.64
CA ALA B 50 19.85 5.96 19.21
C ALA B 50 20.67 6.46 18.04
N VAL B 51 20.02 7.13 17.08
CA VAL B 51 20.76 7.70 15.96
C VAL B 51 21.85 8.64 16.45
N ASP B 52 21.51 9.52 17.39
CA ASP B 52 22.51 10.48 17.87
C ASP B 52 23.64 9.78 18.63
N TYR B 53 23.28 8.83 19.51
CA TYR B 53 24.28 8.02 20.20
C TYR B 53 25.27 7.41 19.20
N VAL B 54 24.75 6.82 18.12
CA VAL B 54 25.60 6.10 17.19
C VAL B 54 26.45 7.05 16.38
N GLU B 55 25.90 8.20 15.97
CA GLU B 55 26.70 9.20 15.28
C GLU B 55 27.91 9.59 16.12
N ARG B 56 27.68 9.87 17.42
CA ARG B 56 28.81 10.25 18.26
C ARG B 56 29.78 9.09 18.43
N ALA B 57 29.27 7.87 18.58
CA ALA B 57 30.15 6.72 18.78
C ALA B 57 31.05 6.49 17.58
N VAL B 58 30.49 6.59 16.37
N VAL B 58 30.50 6.59 16.37
CA VAL B 58 31.30 6.36 15.18
CA VAL B 58 31.30 6.35 15.18
C VAL B 58 32.27 7.51 14.96
C VAL B 58 32.27 7.51 14.96
N SER B 59 31.89 8.74 15.31
CA SER B 59 32.84 9.83 15.29
C SER B 59 34.03 9.50 16.19
N ASP B 60 33.76 8.97 17.38
CA ASP B 60 34.83 8.62 18.29
C ASP B 60 35.70 7.48 17.73
N THR B 61 35.08 6.49 17.09
CA THR B 61 35.90 5.40 16.53
C THR B 61 36.79 5.90 15.40
N LYS B 62 36.24 6.75 14.52
CA LYS B 62 37.06 7.37 13.48
C LYS B 62 38.21 8.15 14.09
N LYS B 63 37.93 8.93 15.14
CA LYS B 63 38.99 9.67 15.80
C LYS B 63 40.06 8.74 16.35
N ALA B 64 39.63 7.59 16.87
CA ALA B 64 40.57 6.64 17.44
C ALA B 64 41.51 6.08 16.38
N VAL B 65 40.98 5.76 15.20
CA VAL B 65 41.85 5.22 14.15
C VAL B 65 42.78 6.27 13.58
N LYS B 66 42.47 7.56 13.73
CA LYS B 66 43.32 8.62 13.19
C LYS B 66 44.78 8.41 13.59
N LEU C 2 -60.40 0.11 13.34
CA LEU C 2 -59.46 0.76 12.43
C LEU C 2 -58.73 1.90 13.13
N GLU C 3 -59.47 2.73 13.88
CA GLU C 3 -58.83 3.87 14.54
C GLU C 3 -57.74 3.42 15.51
N GLU C 4 -57.93 2.26 16.15
CA GLU C 4 -56.84 1.65 16.89
C GLU C 4 -55.63 1.49 15.99
N MET C 5 -55.85 0.93 14.80
CA MET C 5 -54.76 0.67 13.87
C MET C 5 -54.30 1.95 13.19
N GLN C 6 -55.19 2.93 13.01
CA GLN C 6 -54.77 4.24 12.53
C GLN C 6 -53.73 4.84 13.46
N ARG C 7 -54.04 4.90 14.75
CA ARG C 7 -53.11 5.53 15.69
C ARG C 7 -51.84 4.71 15.85
N ARG C 8 -51.97 3.37 15.92
CA ARG C 8 -50.77 2.54 15.97
C ARG C 8 -49.90 2.76 14.73
N ALA C 9 -50.52 2.88 13.56
CA ALA C 9 -49.78 3.07 12.33
C ALA C 9 -49.04 4.40 12.32
N ASP C 10 -49.70 5.45 12.78
CA ASP C 10 -49.03 6.75 12.83
C ASP C 10 -47.90 6.74 13.87
N GLN C 11 -48.11 6.05 14.99
CA GLN C 11 -47.04 5.85 15.96
C GLN C 11 -45.82 5.20 15.30
N LEU C 12 -46.05 4.12 14.56
CA LEU C 12 -44.94 3.41 13.92
C LEU C 12 -44.26 4.27 12.86
N ALA C 13 -45.05 5.03 12.09
CA ALA C 13 -44.46 5.93 11.10
C ALA C 13 -43.56 6.97 11.77
N ASP C 14 -44.04 7.56 12.86
CA ASP C 14 -43.24 8.55 13.57
C ASP C 14 -41.95 7.92 14.10
N GLU C 15 -42.04 6.72 14.68
CA GLU C 15 -40.84 6.07 15.19
C GLU C 15 -39.87 5.76 14.06
N SER C 16 -40.39 5.38 12.89
CA SER C 16 -39.52 5.14 11.74
C SER C 16 -38.80 6.42 11.32
N LEU C 17 -39.52 7.54 11.30
CA LEU C 17 -38.87 8.81 10.95
C LEU C 17 -37.77 9.14 11.96
N GLU C 18 -38.08 8.99 13.26
N GLU C 18 -38.07 8.97 13.26
CA GLU C 18 -37.07 9.18 14.29
CA GLU C 18 -37.05 9.21 14.27
C GLU C 18 -35.85 8.31 14.02
C GLU C 18 -35.83 8.31 14.04
N SER C 19 -36.08 7.07 13.61
CA SER C 19 -34.98 6.15 13.33
C SER C 19 -34.12 6.67 12.18
N THR C 20 -34.74 7.17 11.12
CA THR C 20 -33.94 7.70 10.01
C THR C 20 -33.14 8.92 10.44
N ARG C 21 -33.71 9.77 11.29
CA ARG C 21 -32.98 10.92 11.80
C ARG C 21 -31.77 10.48 12.61
N ARG C 22 -31.95 9.47 13.46
CA ARG C 22 -30.82 8.92 14.21
C ARG C 22 -29.79 8.32 13.27
N MET C 23 -30.22 7.67 12.19
CA MET C 23 -29.29 7.17 11.20
C MET C 23 -28.43 8.28 10.63
N LEU C 24 -29.04 9.41 10.30
CA LEU C 24 -28.27 10.51 9.73
C LEU C 24 -27.20 10.98 10.71
N GLN C 25 -27.58 11.19 11.97
CA GLN C 25 -26.56 11.66 12.91
C GLN C 25 -25.46 10.60 13.08
N LEU C 26 -25.83 9.31 13.09
CA LEU C 26 -24.84 8.26 13.23
C LEU C 26 -23.86 8.22 12.06
N VAL C 27 -24.37 8.34 10.83
CA VAL C 27 -23.46 8.25 9.68
C VAL C 27 -22.60 9.51 9.57
N GLU C 28 -23.12 10.67 10.00
CA GLU C 28 -22.28 11.85 10.05
C GLU C 28 -21.14 11.67 11.05
N GLU C 29 -21.47 11.15 12.23
CA GLU C 29 -20.44 10.84 13.22
C GLU C 29 -19.41 9.85 12.66
N SER C 30 -19.88 8.83 11.95
CA SER C 30 -18.96 7.85 11.37
C SER C 30 -18.05 8.49 10.35
N LYS C 31 -18.59 9.41 9.54
CA LYS C 31 -17.76 10.08 8.53
C LYS C 31 -16.68 10.93 9.18
N ASP C 32 -17.05 11.69 10.21
CA ASP C 32 -16.04 12.48 10.93
C ASP C 32 -14.99 11.57 11.55
N ALA C 33 -15.41 10.46 12.16
CA ALA C 33 -14.46 9.53 12.77
C ALA C 33 -13.50 8.96 11.74
N GLY C 34 -14.02 8.56 10.58
CA GLY C 34 -13.16 8.01 9.55
C GLY C 34 -12.17 9.02 9.00
N ILE C 35 -12.61 10.27 8.81
CA ILE C 35 -11.69 11.30 8.34
C ILE C 35 -10.60 11.55 9.38
N ARG C 36 -10.97 11.63 10.66
CA ARG C 36 -9.98 11.78 11.71
C ARG C 36 -8.99 10.61 11.71
N THR C 37 -9.49 9.40 11.49
CA THR C 37 -8.63 8.24 11.44
C THR C 37 -7.63 8.35 10.29
N LEU C 38 -8.11 8.76 9.11
CA LEU C 38 -7.22 8.88 7.96
C LEU C 38 -6.16 9.95 8.19
N VAL C 39 -6.54 11.06 8.84
CA VAL C 39 -5.57 12.10 9.17
C VAL C 39 -4.49 11.55 10.09
N MET C 40 -4.91 10.86 11.16
CA MET C 40 -3.96 10.29 12.09
C MET C 40 -3.04 9.30 11.41
N LEU C 41 -3.58 8.48 10.50
CA LEU C 41 -2.75 7.50 9.81
C LEU C 41 -1.72 8.19 8.93
N ASP C 42 -2.11 9.27 8.25
CA ASP C 42 -1.14 10.01 7.44
C ASP C 42 -0.02 10.57 8.30
N GLU C 43 -0.38 11.20 9.43
CA GLU C 43 0.64 11.78 10.29
C GLU C 43 1.56 10.72 10.87
N GLN C 44 1.00 9.56 11.21
CA GLN C 44 1.82 8.50 11.78
C GLN C 44 2.75 7.91 10.73
N GLY C 45 2.30 7.82 9.47
CA GLY C 45 3.22 7.43 8.42
C GLY C 45 4.35 8.43 8.22
N GLU C 46 4.02 9.72 8.33
CA GLU C 46 5.06 10.74 8.22
C GLU C 46 6.07 10.63 9.36
N GLN C 47 5.65 10.10 10.52
CA GLN C 47 6.63 9.77 11.55
C GLN C 47 7.38 8.47 11.22
N LEU C 48 6.71 7.51 10.57
CA LEU C 48 7.36 6.23 10.26
C LEU C 48 8.52 6.42 9.29
N ASP C 49 8.38 7.35 8.35
CA ASP C 49 9.44 7.58 7.38
C ASP C 49 10.77 7.90 8.05
N PRO C 50 10.86 8.95 8.87
CA PRO C 50 12.14 9.24 9.55
C PRO C 50 12.61 8.12 10.45
N VAL C 51 11.71 7.27 10.95
CA VAL C 51 12.14 6.11 11.73
C VAL C 51 12.91 5.14 10.86
N GLU C 52 12.39 4.85 9.67
CA GLU C 52 13.10 3.99 8.72
C GLU C 52 14.45 4.60 8.34
N GLU C 53 14.48 5.91 8.13
CA GLU C 53 15.77 6.52 7.79
C GLU C 53 16.73 6.51 8.98
N GLY C 54 16.23 6.63 10.21
CA GLY C 54 17.09 6.48 11.37
C GLY C 54 17.67 5.10 11.46
N MET C 55 16.87 4.07 11.16
CA MET C 55 17.40 2.71 11.12
C MET C 55 18.52 2.59 10.10
N ASN C 56 18.29 3.11 8.89
CA ASN C 56 19.34 3.05 7.85
C ASN C 56 20.60 3.79 8.29
N HIS C 57 20.43 4.97 8.90
CA HIS C 57 21.58 5.74 9.37
C HIS C 57 22.37 4.96 10.42
N ILE C 58 21.66 4.33 11.37
CA ILE C 58 22.33 3.52 12.38
C ILE C 58 23.08 2.37 11.74
N ASN C 59 22.46 1.72 10.75
CA ASN C 59 23.13 0.61 10.07
C ASN C 59 24.43 1.05 9.41
N GLN C 60 24.36 2.13 8.63
CA GLN C 60 25.55 2.65 7.96
C GLN C 60 26.64 2.99 8.97
N ASP C 61 26.29 3.77 9.99
CA ASP C 61 27.27 4.18 10.98
C ASP C 61 27.86 2.97 11.70
N MET C 62 27.06 1.95 11.97
CA MET C 62 27.60 0.80 12.71
C MET C 62 28.50 -0.04 11.83
N LYS C 63 28.23 -0.12 10.52
CA LYS C 63 29.22 -0.70 9.62
C LYS C 63 30.54 0.05 9.70
N GLU C 64 30.48 1.39 9.62
CA GLU C 64 31.70 2.18 9.72
C GLU C 64 32.43 1.89 11.03
N ALA C 65 31.68 1.82 12.14
CA ALA C 65 32.31 1.63 13.45
C ALA C 65 32.93 0.25 13.57
N GLU C 66 32.28 -0.77 13.00
N GLU C 66 32.28 -0.77 12.99
CA GLU C 66 32.86 -2.10 12.97
CA GLU C 66 32.86 -2.10 12.97
C GLU C 66 34.21 -2.09 12.25
C GLU C 66 34.20 -2.10 12.25
N LYS C 67 34.25 -1.44 11.08
CA LYS C 67 35.51 -1.34 10.36
C LYS C 67 36.58 -0.65 11.22
N ASN C 68 36.22 0.46 11.84
CA ASN C 68 37.18 1.20 12.67
C ASN C 68 37.68 0.34 13.82
N LEU C 69 36.78 -0.38 14.49
CA LEU C 69 37.17 -1.23 15.61
C LEU C 69 38.11 -2.33 15.15
N LYS C 70 37.80 -2.99 14.04
CA LYS C 70 38.69 -4.04 13.54
C LYS C 70 40.07 -3.47 13.24
N ASP C 71 40.13 -2.27 12.64
CA ASP C 71 41.43 -1.66 12.38
C ASP C 71 42.15 -1.32 13.67
N LEU C 72 41.42 -0.93 14.71
CA LEU C 72 42.08 -0.58 15.98
C LEU C 72 42.77 -1.80 16.58
N GLY C 73 42.14 -2.97 16.47
CA GLY C 73 42.67 -4.19 17.05
C GLY C 73 43.65 -4.94 16.18
N LYS C 74 44.10 -4.32 15.09
CA LYS C 74 45.09 -4.95 14.20
C LYS C 74 46.31 -4.05 14.07
N ALA D 1 -45.47 14.98 4.12
CA ALA D 1 -44.27 15.68 4.57
C ALA D 1 -43.39 14.73 5.40
N ARG D 2 -43.99 13.96 6.30
CA ARG D 2 -43.26 12.92 7.02
C ARG D 2 -42.69 11.89 6.06
N GLU D 3 -43.50 11.47 5.07
N GLU D 3 -43.50 11.45 5.08
CA GLU D 3 -43.02 10.53 4.07
CA GLU D 3 -43.02 10.53 4.07
C GLU D 3 -41.85 11.12 3.29
C GLU D 3 -41.85 11.13 3.29
N ASN D 4 -41.97 12.41 2.92
CA ASN D 4 -40.91 13.06 2.16
C ASN D 4 -39.61 13.12 2.96
N GLU D 5 -39.70 13.47 4.24
CA GLU D 5 -38.50 13.53 5.05
C GLU D 5 -37.88 12.14 5.18
N MET D 6 -38.71 11.12 5.40
CA MET D 6 -38.16 9.77 5.55
C MET D 6 -37.42 9.35 4.29
N ASP D 7 -38.04 9.57 3.12
CA ASP D 7 -37.42 9.14 1.87
C ASP D 7 -36.11 9.89 1.61
N GLU D 8 -36.12 11.21 1.78
CA GLU D 8 -34.90 11.98 1.50
C GLU D 8 -33.81 11.69 2.54
N ASN D 9 -34.20 11.46 3.80
CA ASN D 9 -33.23 11.02 4.80
C ASN D 9 -32.58 9.72 4.40
N LEU D 10 -33.38 8.77 3.89
CA LEU D 10 -32.81 7.48 3.50
C LEU D 10 -31.84 7.65 2.34
N GLU D 11 -32.18 8.48 1.37
CA GLU D 11 -31.26 8.72 0.26
C GLU D 11 -29.96 9.37 0.74
N GLN D 12 -30.07 10.40 1.59
CA GLN D 12 -28.88 11.02 2.16
C GLN D 12 -28.01 9.99 2.89
N VAL D 13 -28.65 9.15 3.72
CA VAL D 13 -27.91 8.12 4.43
C VAL D 13 -27.18 7.22 3.44
N SER D 14 -27.85 6.83 2.36
CA SER D 14 -27.22 5.95 1.38
C SER D 14 -25.98 6.60 0.77
N GLY D 15 -26.09 7.89 0.44
CA GLY D 15 -24.92 8.59 -0.07
C GLY D 15 -23.77 8.59 0.91
N ILE D 16 -24.07 8.90 2.18
CA ILE D 16 -23.01 8.92 3.19
C ILE D 16 -22.42 7.51 3.36
N ILE D 17 -23.23 6.47 3.14
CA ILE D 17 -22.70 5.11 3.24
C ILE D 17 -21.73 4.84 2.10
N GLY D 18 -22.04 5.33 0.89
CA GLY D 18 -21.06 5.27 -0.17
C GLY D 18 -19.76 5.92 0.23
N ASN D 19 -19.84 7.12 0.81
CA ASN D 19 -18.65 7.81 1.28
C ASN D 19 -17.88 6.94 2.28
N LEU D 20 -18.59 6.34 3.23
CA LEU D 20 -17.94 5.52 4.26
C LEU D 20 -17.29 4.29 3.66
N ARG D 21 -17.90 3.70 2.62
CA ARG D 21 -17.27 2.58 1.94
C ARG D 21 -15.93 3.00 1.34
N HIS D 22 -15.92 4.13 0.63
CA HIS D 22 -14.67 4.62 0.07
C HIS D 22 -13.64 4.84 1.16
N MET D 23 -14.04 5.46 2.27
CA MET D 23 -13.11 5.75 3.36
C MET D 23 -12.57 4.46 3.98
N ALA D 24 -13.43 3.46 4.15
CA ALA D 24 -12.98 2.20 4.74
C ALA D 24 -11.98 1.50 3.82
N LEU D 25 -12.22 1.54 2.51
CA LEU D 25 -11.26 0.94 1.58
C LEU D 25 -9.91 1.65 1.64
N ASP D 26 -9.94 3.00 1.60
CA ASP D 26 -8.69 3.75 1.70
C ASP D 26 -7.98 3.45 3.02
N MET D 27 -8.73 3.39 4.11
CA MET D 27 -8.18 3.05 5.41
C MET D 27 -7.45 1.71 5.38
N GLY D 28 -8.10 0.70 4.80
CA GLY D 28 -7.47 -0.62 4.73
C GLY D 28 -6.21 -0.63 3.90
N ASN D 29 -6.22 0.08 2.77
CA ASN D 29 -5.01 0.11 1.94
C ASN D 29 -3.87 0.84 2.65
N GLU D 30 -4.17 1.96 3.30
CA GLU D 30 -3.14 2.69 4.02
C GLU D 30 -2.58 1.84 5.15
N ILE D 31 -3.43 1.09 5.84
CA ILE D 31 -2.96 0.25 6.93
C ILE D 31 -2.10 -0.90 6.41
N ASP D 32 -2.47 -1.46 5.26
CA ASP D 32 -1.63 -2.50 4.65
C ASP D 32 -0.24 -1.95 4.32
N THR D 33 -0.21 -0.79 3.66
CA THR D 33 1.07 -0.17 3.32
C THR D 33 1.90 0.09 4.56
N GLN D 34 1.28 0.62 5.63
CA GLN D 34 2.02 0.90 6.84
C GLN D 34 2.48 -0.38 7.53
N ASN D 35 1.71 -1.46 7.45
CA ASN D 35 2.17 -2.72 8.02
C ASN D 35 3.41 -3.22 7.28
N ARG D 36 3.41 -3.11 5.96
N ARG D 36 3.41 -3.11 5.96
CA ARG D 36 4.60 -3.49 5.19
CA ARG D 36 4.60 -3.48 5.20
C ARG D 36 5.81 -2.63 5.61
C ARG D 36 5.81 -2.63 5.62
N GLN D 37 5.60 -1.32 5.74
CA GLN D 37 6.70 -0.44 6.15
C GLN D 37 7.20 -0.79 7.55
N ILE D 38 6.29 -1.11 8.46
CA ILE D 38 6.68 -1.46 9.82
C ILE D 38 7.47 -2.77 9.81
N ASP D 39 7.10 -3.71 8.94
CA ASP D 39 7.88 -4.94 8.82
C ASP D 39 9.29 -4.63 8.34
N ARG D 40 9.41 -3.76 7.33
CA ARG D 40 10.75 -3.36 6.89
C ARG D 40 11.55 -2.75 8.04
N ILE D 41 10.90 -1.86 8.81
CA ILE D 41 11.57 -1.18 9.92
C ILE D 41 12.00 -2.19 10.97
N MET D 42 11.15 -3.19 11.23
CA MET D 42 11.49 -4.20 12.23
C MET D 42 12.69 -5.02 11.79
N GLU D 43 12.78 -5.34 10.50
CA GLU D 43 13.95 -6.08 10.01
C GLU D 43 15.21 -5.25 10.19
N LYS D 44 15.16 -3.98 9.79
CA LYS D 44 16.33 -3.12 9.98
C LYS D 44 16.67 -3.00 11.47
N ALA D 45 15.66 -2.99 12.34
CA ALA D 45 15.91 -2.90 13.77
C ALA D 45 16.60 -4.15 14.30
N ASP D 46 16.17 -5.33 13.85
CA ASP D 46 16.86 -6.56 14.24
C ASP D 46 18.33 -6.52 13.79
N SER D 47 18.55 -6.16 12.53
CA SER D 47 19.92 -6.06 12.05
C SER D 47 20.74 -5.12 12.92
N ASN D 48 20.17 -3.96 13.26
CA ASN D 48 20.89 -2.98 14.06
C ASN D 48 21.14 -3.47 15.47
N LYS D 49 20.19 -4.19 16.05
CA LYS D 49 20.40 -4.79 17.37
C LYS D 49 21.59 -5.74 17.34
N THR D 50 21.65 -6.60 16.31
CA THR D 50 22.77 -7.53 16.21
C THR D 50 24.09 -6.80 16.07
N ARG D 51 24.14 -5.80 15.19
CA ARG D 51 25.38 -5.03 14.94
C ARG D 51 25.81 -4.32 16.22
N ILE D 52 24.88 -3.75 16.95
CA ILE D 52 25.26 -3.00 18.15
C ILE D 52 25.70 -3.95 19.26
N ASP D 53 25.04 -5.10 19.39
CA ASP D 53 25.48 -6.08 20.38
C ASP D 53 26.90 -6.53 20.11
N GLU D 54 27.20 -6.88 18.85
CA GLU D 54 28.55 -7.34 18.53
C GLU D 54 29.58 -6.23 18.69
N ALA D 55 29.22 -5.00 18.31
CA ALA D 55 30.15 -3.89 18.48
C ALA D 55 30.42 -3.62 19.96
N ASN D 56 29.38 -3.70 20.80
CA ASN D 56 29.59 -3.53 22.24
C ASN D 56 30.49 -4.62 22.79
N GLN D 57 30.25 -5.87 22.40
CA GLN D 57 31.09 -6.95 22.87
C GLN D 57 32.55 -6.71 22.47
N ARG D 58 32.77 -6.32 21.21
CA ARG D 58 34.14 -6.08 20.74
C ARG D 58 34.80 -4.93 21.50
N ALA D 59 34.11 -3.79 21.61
CA ALA D 59 34.68 -2.66 22.31
C ALA D 59 34.97 -3.00 23.77
N THR D 60 34.08 -3.79 24.40
CA THR D 60 34.33 -4.19 25.77
C THR D 60 35.57 -5.07 25.87
N LYS D 61 35.75 -5.98 24.91
CA LYS D 61 36.93 -6.82 24.91
C LYS D 61 38.20 -5.98 24.73
N MET D 62 38.14 -4.94 23.89
CA MET D 62 39.31 -4.12 23.59
C MET D 62 39.69 -3.18 24.72
N LEU D 63 38.76 -2.86 25.63
CA LEU D 63 39.04 -1.93 26.70
C LEU D 63 39.80 -2.61 27.84
N GLY E 1 -33.67 -5.61 -30.53
CA GLY E 1 -32.84 -4.51 -31.07
C GLY E 1 -32.14 -3.79 -29.93
N SER E 2 -32.91 -3.17 -29.06
CA SER E 2 -32.41 -2.45 -27.88
C SER E 2 -31.80 -3.48 -26.93
N ASN E 3 -32.51 -4.59 -26.72
CA ASN E 3 -32.04 -5.68 -25.83
C ASN E 3 -30.80 -6.29 -26.44
N ARG E 4 -30.74 -6.42 -27.78
CA ARG E 4 -29.58 -6.99 -28.48
C ARG E 4 -28.38 -6.08 -28.18
N ARG E 5 -28.53 -4.76 -28.24
CA ARG E 5 -27.44 -3.81 -27.96
C ARG E 5 -27.04 -3.96 -26.49
N LEU E 6 -28.00 -4.11 -25.60
CA LEU E 6 -27.72 -4.25 -24.16
C LEU E 6 -26.91 -5.52 -23.88
N GLN E 7 -27.22 -6.64 -24.51
CA GLN E 7 -26.48 -7.88 -24.26
C GLN E 7 -25.08 -7.79 -24.82
N GLN E 8 -24.86 -7.03 -25.88
CA GLN E 8 -23.53 -6.90 -26.45
C GLN E 8 -22.65 -5.99 -25.59
N THR E 9 -23.23 -4.93 -25.04
CA THR E 9 -22.48 -4.08 -24.10
C THR E 9 -22.11 -4.88 -22.86
N GLN E 10 -23.02 -5.72 -22.36
N GLN E 10 -23.03 -5.70 -22.36
CA GLN E 10 -22.68 -6.60 -21.26
CA GLN E 10 -22.71 -6.63 -21.28
C GLN E 10 -21.49 -7.49 -21.62
C GLN E 10 -21.50 -7.48 -21.63
N ALA E 11 -21.50 -8.04 -22.84
CA ALA E 11 -20.39 -8.91 -23.25
C ALA E 11 -19.08 -8.16 -23.26
N GLN E 12 -19.08 -6.94 -23.80
CA GLN E 12 -17.89 -6.11 -23.77
C GLN E 12 -17.36 -5.95 -22.35
N VAL E 13 -18.25 -5.51 -21.44
CA VAL E 13 -17.84 -5.27 -20.07
C VAL E 13 -17.26 -6.54 -19.45
N ASP E 14 -17.87 -7.69 -19.74
CA ASP E 14 -17.41 -8.94 -19.15
C ASP E 14 -16.04 -9.33 -19.66
N GLU E 15 -15.78 -9.14 -20.95
CA GLU E 15 -14.44 -9.44 -21.44
C GLU E 15 -13.41 -8.54 -20.76
N VAL E 16 -13.70 -7.23 -20.64
CA VAL E 16 -12.73 -6.35 -20.02
C VAL E 16 -12.51 -6.75 -18.56
N VAL E 17 -13.57 -7.21 -17.90
CA VAL E 17 -13.42 -7.69 -16.52
C VAL E 17 -12.48 -8.87 -16.47
N ASP E 18 -12.63 -9.83 -17.39
CA ASP E 18 -11.73 -10.98 -17.41
C ASP E 18 -10.28 -10.55 -17.63
N ILE E 19 -10.08 -9.65 -18.60
CA ILE E 19 -8.74 -9.16 -18.88
C ILE E 19 -8.13 -8.53 -17.63
N MET E 20 -8.93 -7.74 -16.90
CA MET E 20 -8.39 -7.05 -15.73
C MET E 20 -8.15 -8.02 -14.58
N ARG E 21 -8.93 -9.09 -14.47
CA ARG E 21 -8.61 -10.15 -13.52
C ARG E 21 -7.23 -10.72 -13.79
N VAL E 22 -6.96 -11.03 -15.05
CA VAL E 22 -5.63 -11.54 -15.42
C VAL E 22 -4.56 -10.51 -15.10
N ASN E 23 -4.83 -9.24 -15.40
CA ASN E 23 -3.86 -8.18 -15.12
C ASN E 23 -3.56 -8.07 -13.63
N VAL E 24 -4.59 -8.25 -12.79
CA VAL E 24 -4.36 -8.19 -11.35
C VAL E 24 -3.46 -9.35 -10.90
N ASP E 25 -3.71 -10.54 -11.43
CA ASP E 25 -2.79 -11.65 -11.12
C ASP E 25 -1.36 -11.31 -11.54
N LYS E 26 -1.20 -10.75 -12.75
CA LYS E 26 0.13 -10.42 -13.24
C LYS E 26 0.81 -9.37 -12.37
N VAL E 27 0.05 -8.40 -11.88
CA VAL E 27 0.67 -7.33 -11.11
C VAL E 27 0.98 -7.82 -9.69
N LEU E 28 0.23 -8.82 -9.19
CA LEU E 28 0.62 -9.42 -7.91
C LEU E 28 1.90 -10.22 -8.06
N GLU E 29 2.06 -10.93 -9.18
CA GLU E 29 3.33 -11.61 -9.43
C GLU E 29 4.46 -10.61 -9.58
N ARG E 30 4.18 -9.46 -10.20
CA ARG E 30 5.15 -8.38 -10.27
C ARG E 30 5.54 -7.90 -8.88
N ASP E 31 4.57 -7.80 -7.97
CA ASP E 31 4.87 -7.41 -6.59
C ASP E 31 5.81 -8.42 -5.93
N GLN E 32 5.53 -9.71 -6.11
CA GLN E 32 6.41 -10.73 -5.53
C GLN E 32 7.83 -10.60 -6.06
N LYS E 33 7.95 -10.50 -7.39
CA LYS E 33 9.27 -10.34 -8.00
C LYS E 33 9.98 -9.11 -7.46
N LEU E 34 9.25 -7.99 -7.31
CA LEU E 34 9.88 -6.76 -6.86
C LEU E 34 10.31 -6.85 -5.40
N SER E 35 9.57 -7.58 -4.57
CA SER E 35 10.00 -7.78 -3.18
C SER E 35 11.31 -8.55 -3.14
N GLU E 36 11.39 -9.63 -3.92
CA GLU E 36 12.64 -10.38 -3.97
C GLU E 36 13.78 -9.49 -4.44
N LEU E 37 13.54 -8.69 -5.49
CA LEU E 37 14.60 -7.82 -5.99
C LEU E 37 14.96 -6.73 -4.98
N ASP E 38 14.00 -6.28 -4.19
CA ASP E 38 14.29 -5.32 -3.11
C ASP E 38 15.32 -5.90 -2.15
N ASP E 39 15.05 -7.11 -1.66
CA ASP E 39 16.02 -7.78 -0.79
C ASP E 39 17.37 -7.90 -1.49
N ARG E 40 17.35 -8.34 -2.76
CA ARG E 40 18.62 -8.56 -3.45
C ARG E 40 19.42 -7.28 -3.57
N ALA E 41 18.77 -6.17 -3.93
CA ALA E 41 19.47 -4.91 -4.11
C ALA E 41 20.04 -4.40 -2.80
N ASP E 42 19.28 -4.56 -1.71
CA ASP E 42 19.82 -4.18 -0.40
C ASP E 42 21.10 -4.96 -0.10
N ALA E 43 21.04 -6.28 -0.20
CA ALA E 43 22.23 -7.10 0.04
C ALA E 43 23.37 -6.71 -0.89
N LEU E 44 23.04 -6.32 -2.13
CA LEU E 44 24.04 -5.96 -3.11
C LEU E 44 24.79 -4.70 -2.71
N GLN E 45 24.06 -3.66 -2.32
CA GLN E 45 24.75 -2.43 -1.92
C GLN E 45 25.55 -2.65 -0.64
N ALA E 46 25.09 -3.52 0.26
CA ALA E 46 25.89 -3.83 1.45
C ALA E 46 27.23 -4.48 1.08
N GLY E 47 27.16 -5.54 0.28
CA GLY E 47 28.39 -6.19 -0.16
C GLY E 47 29.30 -5.24 -0.91
N ALA E 48 28.72 -4.37 -1.74
CA ALA E 48 29.53 -3.44 -2.51
C ALA E 48 30.21 -2.41 -1.61
N SER E 49 29.51 -1.92 -0.58
CA SER E 49 30.14 -1.01 0.38
C SER E 49 31.34 -1.68 1.03
N GLN E 50 31.18 -2.92 1.46
CA GLN E 50 32.29 -3.63 2.09
C GLN E 50 33.47 -3.77 1.12
N PHE E 51 33.20 -4.17 -0.12
CA PHE E 51 34.28 -4.33 -1.08
C PHE E 51 34.94 -3.01 -1.41
N GLU E 52 34.18 -1.91 -1.40
CA GLU E 52 34.68 -0.53 -1.62
C GLU E 52 35.72 -0.21 -0.56
N THR E 53 35.38 -0.42 0.68
CA THR E 53 36.32 -0.19 1.77
C THR E 53 37.57 -1.04 1.58
N SER E 54 37.40 -2.33 1.31
CA SER E 54 38.56 -3.21 1.20
C SER E 54 39.45 -2.82 0.01
N ALA E 55 38.84 -2.37 -1.09
CA ALA E 55 39.62 -1.97 -2.25
C ALA E 55 40.44 -0.73 -1.98
N ALA E 56 39.88 0.23 -1.24
CA ALA E 56 40.67 1.40 -0.86
C ALA E 56 41.84 0.99 0.04
N LYS E 57 41.58 0.13 1.02
CA LYS E 57 42.65 -0.37 1.87
C LYS E 57 43.73 -1.06 1.04
N LEU E 58 43.32 -1.85 0.04
CA LEU E 58 44.29 -2.54 -0.80
C LEU E 58 45.14 -1.56 -1.59
N LYS E 59 44.51 -0.55 -2.20
CA LYS E 59 45.29 0.43 -2.96
C LYS E 59 46.36 1.06 -2.06
N ARG E 60 46.02 1.38 -0.82
CA ARG E 60 47.06 1.90 0.06
C ARG E 60 48.14 0.85 0.33
N LYS E 61 47.71 -0.36 0.72
CA LYS E 61 48.65 -1.38 1.17
C LYS E 61 49.71 -1.72 0.13
N TYR E 62 49.36 -1.65 -1.16
CA TYR E 62 50.24 -2.09 -2.23
C TYR E 62 50.81 -0.93 -3.05
N TRP E 63 51.03 0.21 -2.42
CA TRP E 63 51.64 1.34 -3.10
C TRP E 63 53.14 1.11 -3.21
N ALA F 1 -46.59 -4.64 -21.38
CA ALA F 1 -45.26 -4.08 -21.54
C ALA F 1 -44.53 -3.99 -20.20
N LEU F 2 -45.26 -4.25 -19.11
CA LEU F 2 -44.62 -4.20 -17.79
C LEU F 2 -43.57 -5.30 -17.67
N SER F 3 -43.85 -6.48 -18.22
CA SER F 3 -42.88 -7.57 -18.20
C SER F 3 -41.61 -7.16 -18.93
N GLU F 4 -41.75 -6.56 -20.12
CA GLU F 4 -40.59 -6.15 -20.89
C GLU F 4 -39.80 -5.06 -20.18
N ILE F 5 -40.51 -4.11 -19.55
CA ILE F 5 -39.82 -3.07 -18.77
C ILE F 5 -39.04 -3.70 -17.63
N GLU F 6 -39.65 -4.65 -16.92
CA GLU F 6 -38.95 -5.31 -15.83
C GLU F 6 -37.72 -6.05 -16.34
N THR F 7 -37.84 -6.73 -17.49
CA THR F 7 -36.71 -7.45 -18.05
C THR F 7 -35.58 -6.50 -18.40
N ARG F 8 -35.89 -5.41 -19.10
CA ARG F 8 -34.87 -4.43 -19.46
C ARG F 8 -34.24 -3.82 -18.21
N HIS F 9 -35.06 -3.55 -17.18
CA HIS F 9 -34.53 -3.00 -15.94
C HIS F 9 -33.54 -3.95 -15.29
N SER F 10 -33.90 -5.23 -15.19
CA SER F 10 -32.99 -6.20 -14.59
C SER F 10 -31.71 -6.31 -15.39
N GLU F 11 -31.81 -6.28 -16.73
CA GLU F 11 -30.63 -6.32 -17.57
C GLU F 11 -29.73 -5.11 -17.31
N ILE F 12 -30.33 -3.92 -17.19
CA ILE F 12 -29.55 -2.71 -16.95
C ILE F 12 -28.87 -2.76 -15.58
N ILE F 13 -29.57 -3.27 -14.57
CA ILE F 13 -28.97 -3.38 -13.25
C ILE F 13 -27.82 -4.38 -13.26
N LYS F 14 -27.98 -5.49 -13.97
CA LYS F 14 -26.89 -6.45 -14.12
C LYS F 14 -25.69 -5.78 -14.80
N LEU F 15 -25.94 -5.02 -15.86
CA LEU F 15 -24.86 -4.31 -16.54
C LEU F 15 -24.16 -3.33 -15.59
N GLU F 16 -24.94 -2.63 -14.78
CA GLU F 16 -24.35 -1.67 -13.85
C GLU F 16 -23.48 -2.38 -12.82
N ASN F 17 -23.92 -3.55 -12.34
CA ASN F 17 -23.10 -4.27 -11.37
C ASN F 17 -21.80 -4.74 -12.02
N SER F 18 -21.87 -5.24 -13.25
CA SER F 18 -20.65 -5.62 -13.95
C SER F 18 -19.70 -4.44 -14.12
N ILE F 19 -20.25 -3.28 -14.50
CA ILE F 19 -19.43 -2.09 -14.68
C ILE F 19 -18.83 -1.65 -13.35
N ARG F 20 -19.59 -1.78 -12.26
CA ARG F 20 -19.10 -1.41 -10.94
C ARG F 20 -17.93 -2.31 -10.54
N GLU F 21 -18.03 -3.60 -10.84
CA GLU F 21 -16.90 -4.51 -10.61
C GLU F 21 -15.68 -4.10 -11.43
N LEU F 22 -15.89 -3.77 -12.70
CA LEU F 22 -14.78 -3.34 -13.55
C LEU F 22 -14.12 -2.08 -12.99
N HIS F 23 -14.93 -1.14 -12.51
CA HIS F 23 -14.41 0.07 -11.88
C HIS F 23 -13.58 -0.29 -10.65
N ASP F 24 -14.09 -1.18 -9.81
CA ASP F 24 -13.33 -1.61 -8.64
C ASP F 24 -11.98 -2.17 -9.05
N MET F 25 -11.94 -2.95 -10.14
CA MET F 25 -10.68 -3.57 -10.54
C MET F 25 -9.70 -2.54 -11.10
N PHE F 26 -10.19 -1.57 -11.87
CA PHE F 26 -9.30 -0.51 -12.32
C PHE F 26 -8.72 0.26 -11.14
N MET F 27 -9.54 0.53 -10.12
CA MET F 27 -9.05 1.26 -8.95
C MET F 27 -8.01 0.44 -8.20
N ASP F 28 -8.27 -0.85 -8.00
CA ASP F 28 -7.30 -1.69 -7.30
C ASP F 28 -6.01 -1.78 -8.08
N MET F 29 -6.09 -1.85 -9.42
CA MET F 29 -4.88 -1.89 -10.21
C MET F 29 -4.06 -0.61 -10.04
N ALA F 30 -4.72 0.55 -10.13
CA ALA F 30 -4.01 1.81 -9.92
C ALA F 30 -3.32 1.83 -8.56
N MET F 31 -4.06 1.43 -7.51
CA MET F 31 -3.49 1.44 -6.17
C MET F 31 -2.32 0.48 -6.05
N LEU F 32 -2.41 -0.69 -6.68
CA LEU F 32 -1.32 -1.66 -6.63
C LEU F 32 -0.07 -1.12 -7.30
N VAL F 33 -0.23 -0.50 -8.47
CA VAL F 33 0.93 0.03 -9.19
C VAL F 33 1.57 1.15 -8.39
N GLU F 34 0.75 2.01 -7.78
CA GLU F 34 1.31 3.07 -6.94
C GLU F 34 2.08 2.46 -5.77
N SER F 35 1.50 1.46 -5.10
CA SER F 35 2.19 0.80 -4.00
C SER F 35 3.54 0.26 -4.42
N GLN F 36 3.61 -0.39 -5.59
CA GLN F 36 4.87 -0.96 -6.05
C GLN F 36 5.88 0.12 -6.47
N GLY F 37 5.42 1.31 -6.82
CA GLY F 37 6.36 2.36 -7.19
C GLY F 37 7.37 2.69 -6.10
N GLU F 38 6.93 2.70 -4.83
CA GLU F 38 7.86 2.97 -3.74
C GLU F 38 8.94 1.91 -3.65
N MET F 39 8.56 0.65 -3.80
CA MET F 39 9.55 -0.42 -3.76
C MET F 39 10.51 -0.33 -4.93
N ILE F 40 10.03 0.10 -6.10
CA ILE F 40 10.93 0.29 -7.23
C ILE F 40 11.89 1.44 -6.96
N ASP F 41 11.40 2.50 -6.32
CA ASP F 41 12.27 3.59 -5.92
C ASP F 41 13.39 3.10 -5.00
N ARG F 42 13.03 2.29 -4.00
CA ARG F 42 14.05 1.78 -3.08
C ARG F 42 15.05 0.89 -3.80
N ILE F 43 14.57 0.05 -4.71
CA ILE F 43 15.47 -0.80 -5.50
C ILE F 43 16.45 0.07 -6.28
N GLU F 44 15.94 1.09 -6.97
CA GLU F 44 16.78 1.97 -7.76
C GLU F 44 17.83 2.66 -6.89
N TYR F 45 17.40 3.14 -5.72
CA TYR F 45 18.32 3.79 -4.78
C TYR F 45 19.46 2.85 -4.40
N ASN F 46 19.13 1.64 -4.00
CA ASN F 46 20.18 0.71 -3.55
C ASN F 46 21.08 0.29 -4.71
N VAL F 47 20.51 0.13 -5.91
CA VAL F 47 21.33 -0.27 -7.05
C VAL F 47 22.28 0.84 -7.46
N GLU F 48 21.82 2.09 -7.40
CA GLU F 48 22.74 3.21 -7.66
C GLU F 48 23.86 3.24 -6.63
N HIS F 49 23.52 3.05 -5.35
CA HIS F 49 24.55 2.94 -4.33
C HIS F 49 25.57 1.87 -4.72
N ALA F 50 25.09 0.69 -5.09
CA ALA F 50 26.01 -0.41 -5.39
C ALA F 50 26.87 -0.11 -6.61
N VAL F 51 26.27 0.46 -7.65
CA VAL F 51 27.02 0.84 -8.84
C VAL F 51 28.16 1.77 -8.47
N ASP F 52 27.87 2.80 -7.67
CA ASP F 52 28.90 3.78 -7.32
C ASP F 52 30.00 3.12 -6.47
N TYR F 53 29.60 2.33 -5.47
CA TYR F 53 30.58 1.60 -4.67
C TYR F 53 31.53 0.82 -5.55
N VAL F 54 30.97 0.08 -6.53
CA VAL F 54 31.79 -0.80 -7.34
C VAL F 54 32.69 -0.01 -8.28
N GLU F 55 32.17 1.09 -8.83
CA GLU F 55 33.02 1.95 -9.66
C GLU F 55 34.26 2.38 -8.89
N ARG F 56 34.06 2.90 -7.70
CA ARG F 56 35.18 3.38 -6.88
C ARG F 56 36.09 2.21 -6.55
N ALA F 57 35.54 1.05 -6.19
CA ALA F 57 36.35 -0.10 -5.82
C ALA F 57 37.23 -0.56 -6.97
N VAL F 58 36.66 -0.68 -8.17
CA VAL F 58 37.46 -1.14 -9.30
C VAL F 58 38.51 -0.10 -9.65
N SER F 59 38.19 1.19 -9.53
CA SER F 59 39.22 2.20 -9.77
C SER F 59 40.39 1.99 -8.82
N ASP F 60 40.10 1.72 -7.55
CA ASP F 60 41.18 1.50 -6.58
C ASP F 60 41.98 0.25 -6.91
N THR F 61 41.32 -0.84 -7.32
CA THR F 61 42.07 -2.06 -7.63
C THR F 61 42.92 -1.87 -8.89
N LYS F 62 42.36 -1.22 -9.92
CA LYS F 62 43.14 -0.88 -11.10
C LYS F 62 44.39 -0.10 -10.72
N LYS F 63 44.22 0.96 -9.93
CA LYS F 63 45.38 1.74 -9.52
C LYS F 63 46.35 0.90 -8.67
N ALA F 64 45.83 -0.07 -7.94
CA ALA F 64 46.69 -0.90 -7.09
C ALA F 64 47.58 -1.81 -7.91
N VAL F 65 47.04 -2.40 -9.00
CA VAL F 65 47.89 -3.27 -9.80
C VAL F 65 48.92 -2.45 -10.57
N LYS F 66 48.60 -1.20 -10.88
CA LYS F 66 49.53 -0.31 -11.58
C LYS F 66 50.85 -0.19 -10.83
N GLU G 1 -55.91 -0.97 -10.25
CA GLU G 1 -54.46 -1.11 -10.16
C GLU G 1 -53.78 -0.75 -11.48
N LEU G 2 -54.57 -0.30 -12.45
CA LEU G 2 -53.98 0.07 -13.73
C LEU G 2 -52.97 1.22 -13.55
N GLU G 3 -53.38 2.29 -12.86
CA GLU G 3 -52.50 3.42 -12.69
C GLU G 3 -51.34 3.10 -11.75
N GLU G 4 -51.59 2.30 -10.71
CA GLU G 4 -50.49 1.86 -9.85
C GLU G 4 -49.41 1.14 -10.65
N MET G 5 -49.80 0.24 -11.56
CA MET G 5 -48.81 -0.47 -12.35
C MET G 5 -48.19 0.43 -13.42
N GLN G 6 -48.94 1.40 -13.95
CA GLN G 6 -48.32 2.42 -14.79
C GLN G 6 -47.21 3.14 -14.02
N ARG G 7 -47.47 3.46 -12.75
CA ARG G 7 -46.47 4.11 -11.92
C ARG G 7 -45.29 3.18 -11.67
N ARG G 8 -45.55 1.89 -11.47
N ARG G 8 -45.55 1.89 -11.47
CA ARG G 8 -44.47 0.93 -11.33
CA ARG G 8 -44.45 0.94 -11.33
C ARG G 8 -43.57 0.92 -12.57
C ARG G 8 -43.57 0.94 -12.57
N ALA G 9 -44.18 0.90 -13.75
CA ALA G 9 -43.42 0.90 -14.99
C ALA G 9 -42.61 2.18 -15.15
N ASP G 10 -43.21 3.33 -14.84
CA ASP G 10 -42.49 4.60 -14.94
C ASP G 10 -41.36 4.68 -13.92
N GLN G 11 -41.60 4.16 -12.71
CA GLN G 11 -40.55 4.02 -11.71
C GLN G 11 -39.37 3.25 -12.28
N LEU G 12 -39.65 2.11 -12.89
CA LEU G 12 -38.58 1.28 -13.42
C LEU G 12 -37.84 1.99 -14.56
N ALA G 13 -38.58 2.70 -15.42
CA ALA G 13 -37.94 3.43 -16.51
C ALA G 13 -36.99 4.50 -15.97
N ASP G 14 -37.47 5.30 -15.01
CA ASP G 14 -36.63 6.35 -14.45
C ASP G 14 -35.40 5.77 -13.76
N GLU G 15 -35.59 4.70 -12.97
CA GLU G 15 -34.45 4.09 -12.29
C GLU G 15 -33.45 3.52 -13.29
N SER G 16 -33.93 2.97 -14.40
CA SER G 16 -33.03 2.46 -15.43
C SER G 16 -32.19 3.58 -16.04
N LEU G 17 -32.83 4.71 -16.37
CA LEU G 17 -32.06 5.83 -16.92
C LEU G 17 -31.03 6.35 -15.91
N GLU G 18 -31.43 6.50 -14.65
CA GLU G 18 -30.48 6.89 -13.63
C GLU G 18 -29.32 5.91 -13.54
N SER G 19 -29.63 4.61 -13.67
CA SER G 19 -28.59 3.60 -13.63
C SER G 19 -27.62 3.76 -14.79
N THR G 20 -28.13 4.04 -15.99
CA THR G 20 -27.23 4.23 -17.13
C THR G 20 -26.32 5.43 -16.91
N ARG G 21 -26.84 6.51 -16.34
CA ARG G 21 -25.99 7.66 -16.07
C ARG G 21 -24.93 7.33 -15.02
N ARG G 22 -25.30 6.54 -14.00
CA ARG G 22 -24.29 6.08 -13.04
C ARG G 22 -23.23 5.24 -13.73
N MET G 23 -23.63 4.40 -14.68
CA MET G 23 -22.68 3.65 -15.48
C MET G 23 -21.70 4.59 -16.16
N LEU G 24 -22.22 5.69 -16.72
CA LEU G 24 -21.36 6.64 -17.42
C LEU G 24 -20.30 7.19 -16.49
N GLN G 25 -20.69 7.64 -15.29
CA GLN G 25 -19.70 8.18 -14.37
C GLN G 25 -18.70 7.11 -13.93
N LEU G 26 -19.18 5.87 -13.74
CA LEU G 26 -18.27 4.81 -13.35
C LEU G 26 -17.23 4.55 -14.42
N VAL G 27 -17.63 4.52 -15.69
CA VAL G 27 -16.67 4.23 -16.75
C VAL G 27 -15.72 5.41 -16.96
N GLU G 28 -16.17 6.64 -16.72
CA GLU G 28 -15.24 7.77 -16.77
C GLU G 28 -14.17 7.66 -15.69
N GLU G 29 -14.59 7.35 -14.46
CA GLU G 29 -13.62 7.13 -13.39
C GLU G 29 -12.65 6.01 -13.74
N SER G 30 -13.17 4.92 -14.32
CA SER G 30 -12.31 3.80 -14.68
C SER G 30 -11.30 4.19 -15.75
N LYS G 31 -11.71 5.01 -16.71
CA LYS G 31 -10.78 5.42 -17.75
C LYS G 31 -9.67 6.29 -17.16
N ASP G 32 -10.02 7.21 -16.26
CA ASP G 32 -8.99 8.02 -15.62
C ASP G 32 -8.02 7.13 -14.82
N ALA G 33 -8.57 6.14 -14.11
CA ALA G 33 -7.70 5.23 -13.36
C ALA G 33 -6.76 4.46 -14.27
N GLY G 34 -7.27 3.97 -15.40
CA GLY G 34 -6.43 3.23 -16.32
C GLY G 34 -5.33 4.09 -16.91
N ILE G 35 -5.65 5.35 -17.22
CA ILE G 35 -4.63 6.25 -17.74
C ILE G 35 -3.52 6.46 -16.71
N ARG G 36 -3.93 6.76 -15.46
CA ARG G 36 -2.95 6.89 -14.39
C ARG G 36 -2.08 5.66 -14.28
N THR G 37 -2.69 4.48 -14.36
CA THR G 37 -1.93 3.23 -14.24
C THR G 37 -0.91 3.10 -15.36
N LEU G 38 -1.31 3.38 -16.59
CA LEU G 38 -0.37 3.25 -17.70
C LEU G 38 0.77 4.25 -17.58
N VAL G 39 0.48 5.47 -17.12
CA VAL G 39 1.54 6.45 -16.93
C VAL G 39 2.53 5.96 -15.87
N MET G 40 2.00 5.51 -14.73
CA MET G 40 2.88 5.01 -13.67
C MET G 40 3.71 3.83 -14.14
N LEU G 41 3.11 2.94 -14.94
CA LEU G 41 3.85 1.80 -15.47
C LEU G 41 4.98 2.24 -16.39
N ASP G 42 4.71 3.23 -17.25
CA ASP G 42 5.75 3.74 -18.13
C ASP G 42 6.93 4.31 -17.33
N GLU G 43 6.62 5.12 -16.32
CA GLU G 43 7.69 5.71 -15.51
C GLU G 43 8.46 4.65 -14.73
N GLN G 44 7.76 3.63 -14.23
CA GLN G 44 8.45 2.59 -13.48
C GLN G 44 9.33 1.74 -14.39
N GLY G 45 8.89 1.49 -15.62
CA GLY G 45 9.77 0.83 -16.59
C GLY G 45 10.98 1.67 -16.92
N GLU G 46 10.80 2.99 -17.03
N GLU G 46 10.80 2.99 -17.03
CA GLU G 46 11.93 3.88 -17.26
CA GLU G 46 11.93 3.87 -17.27
C GLU G 46 12.90 3.85 -16.09
C GLU G 46 12.90 3.86 -16.08
N GLN G 47 12.42 3.55 -14.89
CA GLN G 47 13.33 3.33 -13.76
C GLN G 47 13.98 1.94 -13.82
N LEU G 48 13.26 0.94 -14.33
CA LEU G 48 13.82 -0.40 -14.42
C LEU G 48 14.98 -0.47 -15.40
N ASP G 49 14.91 0.29 -16.49
CA ASP G 49 15.98 0.23 -17.49
C ASP G 49 17.35 0.56 -16.89
N PRO G 50 17.56 1.74 -16.30
CA PRO G 50 18.88 2.03 -15.72
C PRO G 50 19.27 1.08 -14.60
N VAL G 51 18.32 0.42 -13.94
CA VAL G 51 18.68 -0.58 -12.95
C VAL G 51 19.37 -1.77 -13.63
N GLU G 52 18.80 -2.25 -14.74
CA GLU G 52 19.45 -3.31 -15.49
C GLU G 52 20.82 -2.86 -16.00
N GLU G 53 20.93 -1.61 -16.47
CA GLU G 53 22.23 -1.11 -16.88
C GLU G 53 23.21 -1.11 -15.72
N GLY G 54 22.75 -0.73 -14.54
CA GLY G 54 23.63 -0.76 -13.37
C GLY G 54 24.09 -2.16 -13.05
N MET G 55 23.19 -3.14 -13.18
CA MET G 55 23.61 -4.53 -13.00
C MET G 55 24.71 -4.90 -13.99
N ASN G 56 24.55 -4.53 -15.26
CA ASN G 56 25.56 -4.83 -16.27
C ASN G 56 26.91 -4.20 -15.91
N HIS G 57 26.88 -2.93 -15.53
CA HIS G 57 28.12 -2.22 -15.21
C HIS G 57 28.78 -2.82 -13.97
N ILE G 58 27.99 -3.17 -12.96
CA ILE G 58 28.55 -3.86 -11.80
C ILE G 58 29.23 -5.15 -12.23
N ASN G 59 28.59 -5.91 -13.12
CA ASN G 59 29.17 -7.16 -13.61
C ASN G 59 30.53 -6.89 -14.26
N GLN G 60 30.59 -5.92 -15.16
N GLN G 60 30.58 -5.92 -15.17
CA GLN G 60 31.84 -5.63 -15.85
CA GLN G 60 31.83 -5.60 -15.85
C GLN G 60 32.92 -5.19 -14.86
C GLN G 60 32.91 -5.20 -14.85
N ASP G 61 32.60 -4.21 -14.01
CA ASP G 61 33.58 -3.70 -13.07
C ASP G 61 34.05 -4.77 -12.10
N MET G 62 33.18 -5.69 -11.70
CA MET G 62 33.60 -6.73 -10.77
C MET G 62 34.44 -7.80 -11.46
N LYS G 63 34.17 -8.10 -12.74
CA LYS G 63 35.11 -8.92 -13.49
C LYS G 63 36.48 -8.28 -13.47
N GLU G 64 36.53 -6.98 -13.81
CA GLU G 64 37.80 -6.26 -13.82
C GLU G 64 38.46 -6.29 -12.45
N ALA G 65 37.68 -6.08 -11.38
CA ALA G 65 38.25 -6.00 -10.04
C ALA G 65 38.76 -7.35 -9.56
N GLU G 66 38.06 -8.43 -9.90
CA GLU G 66 38.55 -9.76 -9.59
C GLU G 66 39.87 -10.02 -10.29
N LYS G 67 40.01 -9.63 -11.57
CA LYS G 67 41.27 -9.78 -12.32
C LYS G 67 42.34 -8.98 -11.59
N ASN G 68 42.01 -7.76 -11.20
CA ASN G 68 42.99 -6.93 -10.52
C ASN G 68 43.47 -7.59 -9.24
N LEU G 69 42.54 -8.14 -8.45
CA LEU G 69 42.94 -8.79 -7.21
C LEU G 69 43.81 -10.00 -7.47
N LYS G 70 43.43 -10.83 -8.44
CA LYS G 70 44.21 -12.03 -8.74
C LYS G 70 45.62 -11.66 -9.19
N ASP G 71 45.76 -10.67 -10.07
CA ASP G 71 47.08 -10.24 -10.49
C ASP G 71 47.85 -9.62 -9.33
N LEU G 72 47.14 -8.91 -8.47
CA LEU G 72 47.75 -8.25 -7.32
C LEU G 72 48.31 -9.27 -6.33
N GLY G 73 47.60 -10.38 -6.12
CA GLY G 73 48.01 -11.37 -5.16
C GLY G 73 48.99 -12.41 -5.68
N LYS G 74 49.70 -12.09 -6.76
CA LYS G 74 50.71 -13.00 -7.30
C LYS G 74 51.72 -12.23 -8.16
N GLU H 3 -36.16 7.62 -22.46
CA GLU H 3 -36.01 6.40 -23.22
C GLU H 3 -34.90 6.56 -24.27
N ASN H 4 -34.90 7.71 -24.95
CA ASN H 4 -33.83 8.02 -25.88
C ASN H 4 -32.51 8.28 -25.13
N GLU H 5 -32.59 8.99 -24.00
CA GLU H 5 -31.39 9.29 -23.24
C GLU H 5 -30.73 8.00 -22.75
N MET H 6 -31.53 7.01 -22.38
CA MET H 6 -31.00 5.70 -22.02
C MET H 6 -30.17 5.11 -23.16
N ASP H 7 -30.74 5.07 -24.36
CA ASP H 7 -30.05 4.49 -25.50
C ASP H 7 -28.76 5.23 -25.78
N GLU H 8 -28.79 6.56 -25.75
CA GLU H 8 -27.61 7.33 -26.09
C GLU H 8 -26.52 7.18 -25.02
N ASN H 9 -26.92 7.14 -23.75
CA ASN H 9 -25.98 6.89 -22.68
C ASN H 9 -25.33 5.53 -22.83
N LEU H 10 -26.11 4.51 -23.20
CA LEU H 10 -25.55 3.18 -23.40
C LEU H 10 -24.56 3.16 -24.54
N GLU H 11 -24.84 3.89 -25.62
CA GLU H 11 -23.88 3.97 -26.72
C GLU H 11 -22.57 4.59 -26.24
N GLN H 12 -22.65 5.70 -25.51
CA GLN H 12 -21.46 6.31 -24.94
C GLN H 12 -20.70 5.29 -24.09
N VAL H 13 -21.42 4.57 -23.24
CA VAL H 13 -20.81 3.59 -22.36
C VAL H 13 -20.04 2.56 -23.18
N SER H 14 -20.66 2.05 -24.25
CA SER H 14 -20.02 1.02 -25.06
C SER H 14 -18.71 1.53 -25.66
N GLY H 15 -18.71 2.78 -26.15
CA GLY H 15 -17.46 3.34 -26.64
C GLY H 15 -16.38 3.41 -25.57
N ILE H 16 -16.75 3.89 -24.39
CA ILE H 16 -15.77 3.98 -23.31
C ILE H 16 -15.29 2.58 -22.93
N ILE H 17 -16.15 1.57 -23.09
CA ILE H 17 -15.73 0.20 -22.77
C ILE H 17 -14.70 -0.28 -23.78
N GLY H 18 -14.89 0.05 -25.06
CA GLY H 18 -13.84 -0.22 -26.03
C GLY H 18 -12.53 0.41 -25.63
N ASN H 19 -12.57 1.67 -25.20
N ASN H 19 -12.57 1.67 -25.19
CA ASN H 19 -11.35 2.35 -24.76
CA ASN H 19 -11.34 2.33 -24.77
C ASN H 19 -10.71 1.62 -23.57
C ASN H 19 -10.71 1.63 -23.57
N LEU H 20 -11.53 1.22 -22.59
CA LEU H 20 -11.01 0.54 -21.42
C LEU H 20 -10.40 -0.82 -21.80
N ARG H 21 -10.98 -1.50 -22.79
N ARG H 21 -10.99 -1.50 -22.77
CA ARG H 21 -10.39 -2.76 -23.25
CA ARG H 21 -10.42 -2.75 -23.29
C ARG H 21 -9.01 -2.51 -23.84
C ARG H 21 -9.02 -2.51 -23.84
N HIS H 22 -8.88 -1.48 -24.67
CA HIS H 22 -7.57 -1.15 -25.20
C HIS H 22 -6.58 -0.91 -24.07
N MET H 23 -7.00 -0.11 -23.08
CA MET H 23 -6.11 0.19 -21.97
C MET H 23 -5.72 -1.07 -21.20
N ALA H 24 -6.68 -1.97 -20.98
CA ALA H 24 -6.40 -3.18 -20.21
C ALA H 24 -5.44 -4.10 -20.95
N LEU H 25 -5.61 -4.25 -22.26
CA LEU H 25 -4.68 -5.09 -23.02
C LEU H 25 -3.27 -4.51 -22.99
N ASP H 26 -3.15 -3.19 -23.22
CA ASP H 26 -1.84 -2.57 -23.15
C ASP H 26 -1.21 -2.74 -21.77
N MET H 27 -2.02 -2.56 -20.73
CA MET H 27 -1.57 -2.75 -19.34
C MET H 27 -1.01 -4.15 -19.14
N GLY H 28 -1.74 -5.16 -19.60
CA GLY H 28 -1.27 -6.54 -19.41
C GLY H 28 0.03 -6.82 -20.15
N ASN H 29 0.15 -6.31 -21.37
CA ASN H 29 1.38 -6.53 -22.12
C ASN H 29 2.56 -5.81 -21.46
N GLU H 30 2.34 -4.59 -20.98
CA GLU H 30 3.40 -3.86 -20.28
C GLU H 30 3.83 -4.59 -19.03
N ILE H 31 2.88 -5.14 -18.28
CA ILE H 31 3.23 -5.84 -17.05
C ILE H 31 3.99 -7.12 -17.36
N ASP H 32 3.61 -7.84 -18.41
CA ASP H 32 4.36 -9.04 -18.80
C ASP H 32 5.80 -8.68 -19.15
N THR H 33 5.99 -7.65 -19.99
CA THR H 33 7.34 -7.25 -20.37
C THR H 33 8.15 -6.89 -19.13
N GLN H 34 7.56 -6.11 -18.22
CA GLN H 34 8.30 -5.69 -17.03
C GLN H 34 8.60 -6.89 -16.12
N ASN H 35 7.73 -7.89 -16.08
CA ASN H 35 8.01 -9.07 -15.28
C ASN H 35 9.21 -9.82 -15.83
N ARG H 36 9.28 -9.97 -17.15
CA ARG H 36 10.44 -10.65 -17.73
C ARG H 36 11.72 -9.84 -17.49
N GLN H 37 11.64 -8.51 -17.61
CA GLN H 37 12.82 -7.68 -17.34
C GLN H 37 13.26 -7.81 -15.88
N ILE H 38 12.30 -7.86 -14.95
CA ILE H 38 12.63 -8.01 -13.54
C ILE H 38 13.27 -9.36 -13.30
N ASP H 39 12.85 -10.40 -14.05
CA ASP H 39 13.54 -11.69 -13.94
C ASP H 39 15.00 -11.57 -14.36
N ARG H 40 15.24 -10.89 -15.49
CA ARG H 40 16.62 -10.67 -15.91
C ARG H 40 17.41 -9.92 -14.83
N ILE H 41 16.81 -8.88 -14.26
CA ILE H 41 17.50 -8.08 -13.26
C ILE H 41 17.81 -8.92 -12.02
N MET H 42 16.88 -9.79 -11.62
CA MET H 42 17.13 -10.63 -10.44
C MET H 42 18.25 -11.62 -10.72
N GLU H 43 18.30 -12.18 -11.94
CA GLU H 43 19.39 -13.11 -12.25
C GLU H 43 20.74 -12.40 -12.22
N LYS H 44 20.83 -11.23 -12.87
CA LYS H 44 22.07 -10.48 -12.82
C LYS H 44 22.42 -10.06 -11.39
N ALA H 45 21.41 -9.76 -10.56
CA ALA H 45 21.68 -9.37 -9.18
C ALA H 45 22.25 -10.54 -8.39
N ASP H 46 21.72 -11.74 -8.58
N ASP H 46 21.72 -11.75 -8.59
CA ASP H 46 22.29 -12.92 -7.93
CA ASP H 46 22.29 -12.92 -7.93
C ASP H 46 23.74 -13.13 -8.36
C ASP H 46 23.73 -13.13 -8.35
N SER H 47 24.00 -13.05 -9.66
CA SER H 47 25.36 -13.21 -10.15
C SER H 47 26.30 -12.17 -9.54
N ASN H 48 25.85 -10.91 -9.50
CA ASN H 48 26.70 -9.84 -8.99
C ASN H 48 26.93 -9.99 -7.50
N LYS H 49 25.91 -10.40 -6.74
CA LYS H 49 26.10 -10.64 -5.32
C LYS H 49 27.13 -11.74 -5.11
N THR H 50 27.07 -12.81 -5.90
CA THR H 50 28.08 -13.86 -5.77
C THR H 50 29.47 -13.34 -6.06
N ARG H 51 29.61 -12.56 -7.14
CA ARG H 51 30.92 -12.00 -7.49
C ARG H 51 31.46 -11.15 -6.34
N ILE H 52 30.60 -10.32 -5.75
CA ILE H 52 31.06 -9.41 -4.70
C ILE H 52 31.39 -10.17 -3.43
N ASP H 53 30.64 -11.23 -3.13
CA ASP H 53 31.00 -12.07 -1.98
C ASP H 53 32.39 -12.67 -2.15
N GLU H 54 32.66 -13.24 -3.31
CA GLU H 54 33.96 -13.90 -3.57
C GLU H 54 35.06 -12.85 -3.55
N ALA H 55 34.81 -11.68 -4.12
CA ALA H 55 35.76 -10.56 -4.18
C ALA H 55 36.05 -10.07 -2.76
N ASN H 56 35.04 -9.99 -1.90
CA ASN H 56 35.20 -9.57 -0.50
C ASN H 56 36.06 -10.61 0.23
N GLN H 57 35.81 -11.91 0.02
CA GLN H 57 36.57 -12.99 0.68
C GLN H 57 38.04 -12.85 0.27
N ARG H 58 38.33 -12.64 -0.99
CA ARG H 58 39.71 -12.55 -1.48
C ARG H 58 40.41 -11.30 -0.93
N ALA H 59 39.75 -10.15 -1.02
CA ALA H 59 40.35 -8.92 -0.50
C ALA H 59 40.61 -9.02 0.99
N THR H 60 39.70 -9.66 1.73
CA THR H 60 39.89 -9.83 3.17
C THR H 60 41.09 -10.71 3.47
N LYS H 61 41.27 -11.80 2.72
CA LYS H 61 42.46 -12.61 2.92
C LYS H 61 43.73 -11.82 2.59
N MET H 62 43.67 -10.99 1.55
CA MET H 62 44.86 -10.25 1.14
C MET H 62 45.19 -9.10 2.09
N LEU H 63 44.20 -8.59 2.82
CA LEU H 63 44.45 -7.52 3.78
C LEU H 63 44.89 -8.03 5.14
N GLY H 64 44.45 -9.22 5.54
CA GLY H 64 44.79 -9.78 6.82
C GLY H 64 46.08 -10.59 6.80
#